data_3FL2
#
_entry.id   3FL2
#
_cell.length_a   45.736
_cell.length_b   46.916
_cell.length_c   48.409
_cell.angle_alpha   90.00
_cell.angle_beta   90.00
_cell.angle_gamma   90.00
#
_symmetry.space_group_name_H-M   'P 21 21 21'
#
loop_
_entity.id
_entity.type
_entity.pdbx_description
1 polymer 'E3 ubiquitin-protein ligase UHRF1'
2 non-polymer 'ZINC ION'
3 water water
#
_entity_poly.entity_id   1
_entity_poly.type   'polypeptide(L)'
_entity_poly.pdbx_seq_one_letter_code
;GSEPYSLTAQQSSLIREDKSNAKLWNEVLASLKDRPASGSPFQLFLSKVEETFQCICCQELVFRPITTVCQHNVCKDCLD
RSFRAQVFSCPACRYDLGRSYAMQVNQPLQTVLNQLFPGYGNGR
;
_entity_poly.pdbx_strand_id   A
#
# COMPACT_ATOMS: atom_id res chain seq x y z
N SER A 6 -7.20 -16.72 -11.15
CA SER A 6 -7.57 -15.33 -10.77
C SER A 6 -7.88 -15.20 -9.28
N LEU A 7 -8.08 -13.95 -8.86
CA LEU A 7 -8.42 -13.65 -7.47
C LEU A 7 -9.81 -14.20 -7.07
N THR A 8 -10.03 -14.36 -5.77
CA THR A 8 -11.18 -15.06 -5.24
C THR A 8 -12.21 -14.04 -4.73
N ALA A 9 -13.41 -14.52 -4.40
CA ALA A 9 -14.45 -13.62 -3.85
C ALA A 9 -14.04 -13.03 -2.51
N GLN A 10 -13.35 -13.83 -1.70
CA GLN A 10 -12.91 -13.37 -0.42
C GLN A 10 -11.78 -12.31 -0.60
N GLN A 11 -10.89 -12.53 -1.59
CA GLN A 11 -9.88 -11.53 -1.94
C GLN A 11 -10.50 -10.23 -2.42
N SER A 12 -11.52 -10.36 -3.24
CA SER A 12 -12.28 -9.20 -3.70
C SER A 12 -12.96 -8.45 -2.57
N SER A 13 -13.55 -9.20 -1.65
CA SER A 13 -14.18 -8.60 -0.47
C SER A 13 -13.17 -7.82 0.40
N LEU A 14 -11.99 -8.41 0.62
CA LEU A 14 -10.93 -7.76 1.36
C LEU A 14 -10.49 -6.47 0.68
N ILE A 15 -10.36 -6.50 -0.65
CA ILE A 15 -9.93 -5.33 -1.44
C ILE A 15 -11.00 -4.24 -1.34
N ARG A 16 -12.28 -4.63 -1.44
CA ARG A 16 -13.36 -3.65 -1.35
C ARG A 16 -13.35 -2.88 -0.02
N GLU A 17 -12.81 -3.50 1.04
CA GLU A 17 -12.71 -2.89 2.37
C GLU A 17 -11.67 -1.77 2.40
N ASP A 18 -10.69 -1.81 1.49
CA ASP A 18 -9.67 -0.77 1.50
C ASP A 18 -10.22 0.43 0.76
N LYS A 19 -11.13 1.13 1.43
CA LYS A 19 -11.93 2.17 0.79
C LYS A 19 -11.08 3.39 0.46
N SER A 20 -9.98 3.56 1.18
CA SER A 20 -9.18 4.74 1.00
C SER A 20 -8.23 4.58 -0.20
N ASN A 21 -8.12 3.36 -0.72
CA ASN A 21 -7.37 3.12 -1.97
C ASN A 21 -8.26 2.65 -3.10
N ALA A 22 -9.54 3.01 -3.04
CA ALA A 22 -10.49 2.48 -4.00
C ALA A 22 -10.05 2.71 -5.46
N LYS A 23 -9.69 3.95 -5.80
CA LYS A 23 -9.24 4.26 -7.17
C LYS A 23 -8.05 3.39 -7.62
N LEU A 24 -7.05 3.28 -6.75
CA LEU A 24 -5.84 2.49 -7.03
C LEU A 24 -6.15 1.01 -7.30
N TRP A 25 -7.00 0.42 -6.45
CA TRP A 25 -7.36 -0.98 -6.52
C TRP A 25 -8.16 -1.20 -7.80
N ASN A 26 -9.00 -0.25 -8.15
CA ASN A 26 -9.66 -0.33 -9.44
C ASN A 26 -8.72 -0.46 -10.65
N GLU A 27 -7.59 0.24 -10.60
CA GLU A 27 -6.60 0.21 -11.65
C GLU A 27 -5.87 -1.11 -11.61
N VAL A 28 -5.56 -1.58 -10.40
CA VAL A 28 -4.92 -2.87 -10.22
C VAL A 28 -5.81 -3.93 -10.84
N LEU A 29 -7.12 -3.84 -10.58
CA LEU A 29 -8.07 -4.87 -11.02
C LEU A 29 -8.27 -4.81 -12.54
N ALA A 30 -8.19 -3.61 -13.11
CA ALA A 30 -8.18 -3.45 -14.58
C ALA A 30 -7.08 -4.28 -15.29
N SER A 31 -5.93 -4.41 -14.65
CA SER A 31 -4.81 -5.20 -15.17
C SER A 31 -5.15 -6.68 -15.46
N ARG A 35 -5.65 -11.57 -19.82
CA ARG A 35 -5.05 -12.81 -19.30
C ARG A 35 -3.63 -13.00 -19.82
N PRO A 36 -2.70 -13.42 -18.96
CA PRO A 36 -1.32 -13.46 -19.43
C PRO A 36 -1.01 -14.61 -20.41
N ALA A 37 -0.01 -14.39 -21.25
CA ALA A 37 0.52 -15.39 -22.20
C ALA A 37 1.47 -16.39 -21.54
N SER A 38 1.93 -16.06 -20.33
CA SER A 38 2.86 -16.89 -19.52
C SER A 38 2.37 -17.10 -18.09
N GLY A 39 2.72 -18.25 -17.50
CA GLY A 39 2.28 -18.55 -16.12
C GLY A 39 0.79 -18.41 -15.89
N SER A 40 0.42 -18.05 -14.66
CA SER A 40 -1.00 -18.09 -14.24
C SER A 40 -1.52 -16.66 -14.02
N PRO A 41 -2.84 -16.43 -14.22
CA PRO A 41 -3.34 -15.05 -14.00
C PRO A 41 -3.13 -14.50 -12.58
N PHE A 42 -3.14 -15.35 -11.56
CA PHE A 42 -2.98 -14.80 -10.21
C PHE A 42 -1.56 -14.29 -9.98
N GLN A 43 -0.59 -14.90 -10.66
CA GLN A 43 0.74 -14.36 -10.59
C GLN A 43 0.80 -12.93 -11.19
N LEU A 44 0.03 -12.65 -12.23
CA LEU A 44 0.07 -11.31 -12.80
C LEU A 44 -0.49 -10.31 -11.80
N PHE A 45 -1.60 -10.70 -11.15
CA PHE A 45 -2.20 -9.88 -10.10
C PHE A 45 -1.20 -9.55 -9.00
N LEU A 46 -0.52 -10.58 -8.49
CA LEU A 46 0.45 -10.38 -7.44
C LEU A 46 1.54 -9.38 -7.87
N SER A 47 2.07 -9.54 -9.10
CA SER A 47 3.08 -8.61 -9.63
C SER A 47 2.58 -7.16 -9.56
N LYS A 48 1.32 -6.96 -9.95
CA LYS A 48 0.74 -5.63 -10.05
C LYS A 48 0.51 -4.99 -8.66
N VAL A 49 0.05 -5.81 -7.71
CA VAL A 49 -0.08 -5.36 -6.32
C VAL A 49 1.27 -4.91 -5.75
N GLU A 50 2.28 -5.75 -5.94
CA GLU A 50 3.59 -5.46 -5.38
C GLU A 50 4.13 -4.11 -5.92
N GLU A 51 3.99 -3.88 -7.23
CA GLU A 51 4.43 -2.64 -7.88
C GLU A 51 3.64 -1.43 -7.35
N THR A 52 2.33 -1.61 -7.21
CA THR A 52 1.42 -0.50 -6.89
C THR A 52 1.63 0.00 -5.46
N PHE A 53 1.96 -0.92 -4.56
CA PHE A 53 2.08 -0.63 -3.14
C PHE A 53 3.53 -0.61 -2.62
N GLN A 54 4.50 -0.40 -3.52
CA GLN A 54 5.90 -0.11 -3.12
C GLN A 54 5.98 1.18 -2.33
N CYS A 55 6.72 1.17 -1.21
CA CYS A 55 6.94 2.43 -0.49
C CYS A 55 8.06 3.21 -1.19
N ILE A 56 7.84 4.49 -1.48
CA ILE A 56 8.89 5.31 -2.13
C ILE A 56 10.15 5.49 -1.25
N CYS A 57 9.97 5.46 0.06
CA CYS A 57 11.09 5.69 0.96
C CYS A 57 12.04 4.53 1.03
N CYS A 58 11.51 3.33 1.25
CA CYS A 58 12.37 2.19 1.54
C CYS A 58 12.44 1.15 0.43
N GLN A 59 11.65 1.35 -0.63
CA GLN A 59 11.67 0.48 -1.82
C GLN A 59 11.28 -0.97 -1.52
N GLU A 60 10.46 -1.15 -0.49
CA GLU A 60 9.89 -2.43 -0.16
C GLU A 60 8.39 -2.26 -0.23
N LEU A 61 7.67 -3.37 -0.35
CA LEU A 61 6.22 -3.37 -0.14
C LEU A 61 5.89 -2.64 1.16
N VAL A 62 4.90 -1.74 1.09
CA VAL A 62 4.60 -0.97 2.31
C VAL A 62 4.16 -1.91 3.43
N PHE A 63 4.63 -1.66 4.65
CA PHE A 63 4.20 -2.38 5.86
C PHE A 63 3.75 -1.36 6.90
N ARG A 64 2.66 -1.73 7.60
CA ARG A 64 1.89 -0.77 8.44
C ARG A 64 1.69 0.56 7.64
N PRO A 65 1.03 0.46 6.47
CA PRO A 65 0.97 1.56 5.53
C PRO A 65 0.14 2.73 6.08
N ILE A 66 0.61 3.92 5.80
CA ILE A 66 -0.22 5.11 5.95
C ILE A 66 -0.67 5.51 4.54
N THR A 67 -1.98 5.70 4.38
CA THR A 67 -2.55 6.22 3.15
C THR A 67 -2.81 7.70 3.43
N THR A 68 -1.93 8.54 2.86
CA THR A 68 -1.91 9.99 3.13
C THR A 68 -3.16 10.68 2.52
N VAL A 69 -3.47 11.88 3.00
CA VAL A 69 -4.56 12.68 2.46
C VAL A 69 -4.36 12.92 0.96
N CYS A 70 -3.10 12.92 0.51
CA CYS A 70 -2.76 13.15 -0.91
C CYS A 70 -2.68 11.81 -1.70
N GLN A 71 -3.17 10.74 -1.07
CA GLN A 71 -3.47 9.43 -1.68
C GLN A 71 -2.25 8.67 -2.09
N HIS A 72 -1.23 8.76 -1.24
CA HIS A 72 -0.01 7.97 -1.38
C HIS A 72 0.19 7.03 -0.19
N ASN A 73 0.80 5.85 -0.45
CA ASN A 73 0.94 4.89 0.59
C ASN A 73 2.41 4.79 0.96
N VAL A 74 2.68 5.05 2.24
CA VAL A 74 4.04 5.04 2.82
C VAL A 74 4.03 4.22 4.12
N CYS A 75 5.12 3.49 4.42
CA CYS A 75 5.19 2.75 5.67
C CYS A 75 5.09 3.74 6.82
N LYS A 76 4.45 3.35 7.92
CA LYS A 76 4.38 4.22 9.05
C LYS A 76 5.79 4.55 9.55
N ASP A 77 6.65 3.55 9.61
CA ASP A 77 8.01 3.78 10.14
C ASP A 77 8.78 4.76 9.26
N CYS A 78 8.59 4.65 7.95
CA CYS A 78 9.25 5.57 6.98
C CYS A 78 8.74 7.00 7.13
N LEU A 79 7.41 7.15 7.25
CA LEU A 79 6.81 8.48 7.48
C LEU A 79 7.22 9.06 8.84
N ASP A 80 7.18 8.22 9.89
CA ASP A 80 7.64 8.61 11.24
C ASP A 80 9.07 9.13 11.23
N ARG A 81 9.97 8.44 10.54
CA ARG A 81 11.38 8.87 10.48
C ARG A 81 11.51 10.25 9.81
N SER A 82 10.75 10.45 8.74
CA SER A 82 10.74 11.73 8.04
C SER A 82 10.28 12.83 8.98
N PHE A 83 9.19 12.58 9.70
CA PHE A 83 8.65 13.64 10.59
C PHE A 83 9.66 13.96 11.70
N ARG A 84 10.33 12.93 12.22
CA ARG A 84 11.36 13.14 13.27
C ARG A 84 12.55 13.93 12.77
N ALA A 85 12.79 13.86 11.46
CA ALA A 85 13.80 14.68 10.81
C ALA A 85 13.25 16.10 10.53
N GLN A 86 12.04 16.38 11.02
CA GLN A 86 11.38 17.67 10.78
C GLN A 86 11.05 17.93 9.30
N VAL A 87 10.74 16.88 8.56
CA VAL A 87 10.29 16.97 7.17
C VAL A 87 8.84 16.53 7.17
N PHE A 88 7.93 17.45 6.92
CA PHE A 88 6.51 17.13 7.05
C PHE A 88 5.80 17.08 5.70
N SER A 89 6.55 16.71 4.66
CA SER A 89 5.98 16.65 3.31
C SER A 89 5.81 15.18 2.88
N CYS A 90 4.88 14.91 1.97
CA CYS A 90 4.74 13.55 1.51
C CYS A 90 5.98 13.08 0.74
N PRO A 91 6.52 11.89 1.09
CA PRO A 91 7.71 11.47 0.33
C PRO A 91 7.48 11.21 -1.18
N ALA A 92 6.23 10.93 -1.55
CA ALA A 92 5.85 10.60 -2.92
C ALA A 92 5.59 11.81 -3.78
N CYS A 93 4.97 12.84 -3.19
CA CYS A 93 4.60 14.00 -4.00
C CYS A 93 4.94 15.34 -3.33
N ARG A 94 5.44 15.32 -2.07
CA ARG A 94 5.84 16.52 -1.33
C ARG A 94 4.73 17.52 -1.00
N TYR A 95 3.48 17.06 -1.08
CA TYR A 95 2.38 17.77 -0.48
C TYR A 95 2.71 17.98 1.02
N ASP A 96 2.36 19.14 1.55
CA ASP A 96 2.65 19.47 2.93
C ASP A 96 1.60 18.87 3.85
N LEU A 97 1.96 17.74 4.46
CA LEU A 97 1.10 17.07 5.44
C LEU A 97 0.98 17.86 6.73
N GLY A 98 2.04 18.56 7.09
CA GLY A 98 2.01 19.41 8.27
C GLY A 98 2.56 18.73 9.51
N ARG A 99 2.81 19.55 10.53
CA ARG A 99 3.20 19.00 11.81
C ARG A 99 1.96 18.34 12.42
N SER A 100 2.18 17.32 13.24
CA SER A 100 1.07 16.65 13.95
C SER A 100 0.01 16.11 13.02
N TYR A 101 0.47 15.57 11.88
CA TYR A 101 -0.40 14.89 10.93
C TYR A 101 -0.93 13.63 11.61
N ALA A 102 -2.24 13.59 11.85
CA ALA A 102 -2.86 12.46 12.53
C ALA A 102 -2.95 11.35 11.53
N MET A 103 -2.31 10.24 11.88
CA MET A 103 -2.10 9.06 11.02
C MET A 103 -2.79 7.89 11.69
N GLN A 104 -3.25 6.95 10.88
CA GLN A 104 -3.59 5.64 11.41
C GLN A 104 -3.08 4.69 10.35
N VAL A 105 -2.63 3.51 10.76
CA VAL A 105 -2.31 2.51 9.77
C VAL A 105 -3.59 2.18 9.02
N ASN A 106 -3.46 2.02 7.72
CA ASN A 106 -4.59 1.55 6.86
C ASN A 106 -4.74 0.03 7.06
N GLN A 107 -5.58 -0.37 8.02
CA GLN A 107 -5.69 -1.80 8.36
C GLN A 107 -6.26 -2.63 7.22
N PRO A 108 -7.28 -2.11 6.48
CA PRO A 108 -7.75 -2.96 5.38
C PRO A 108 -6.65 -3.29 4.33
N LEU A 109 -5.82 -2.29 4.03
CA LEU A 109 -4.69 -2.53 3.12
C LEU A 109 -3.70 -3.53 3.72
N GLN A 110 -3.36 -3.34 4.99
CA GLN A 110 -2.45 -4.26 5.66
C GLN A 110 -2.98 -5.72 5.62
N THR A 111 -4.28 -5.88 5.83
CA THR A 111 -4.92 -7.19 5.81
C THR A 111 -4.80 -7.82 4.42
N VAL A 112 -5.09 -7.06 3.35
CA VAL A 112 -4.96 -7.55 1.94
C VAL A 112 -3.53 -7.99 1.70
N LEU A 113 -2.58 -7.12 2.05
CA LEU A 113 -1.16 -7.43 1.74
C LEU A 113 -0.67 -8.62 2.53
N ASN A 114 -1.13 -8.75 3.78
CA ASN A 114 -0.75 -9.91 4.60
C ASN A 114 -1.37 -11.19 4.09
N GLN A 115 -2.55 -11.10 3.48
CA GLN A 115 -3.14 -12.28 2.89
C GLN A 115 -2.40 -12.70 1.60
N LEU A 116 -2.02 -11.72 0.78
CA LEU A 116 -1.35 -12.01 -0.51
C LEU A 116 0.09 -12.44 -0.40
N PHE A 117 0.78 -11.90 0.60
CA PHE A 117 2.21 -12.07 0.83
C PHE A 117 2.47 -12.40 2.29
N PRO A 118 1.94 -13.55 2.76
CA PRO A 118 2.10 -13.82 4.21
C PRO A 118 3.54 -13.80 4.70
N GLY A 119 3.77 -13.07 5.78
CA GLY A 119 5.11 -12.96 6.37
C GLY A 119 6.06 -11.96 5.72
N TYR A 120 5.60 -11.18 4.74
CA TYR A 120 6.51 -10.21 4.14
C TYR A 120 6.99 -9.15 5.15
N GLY A 121 6.13 -8.89 6.13
CA GLY A 121 6.46 -7.99 7.24
C GLY A 121 7.17 -8.63 8.44
N ASN A 122 7.65 -9.88 8.30
CA ASN A 122 8.48 -10.50 9.31
C ASN A 122 9.63 -9.55 9.69
N GLY A 123 9.74 -9.21 10.98
CA GLY A 123 10.79 -8.32 11.47
C GLY A 123 10.69 -6.88 11.01
N ARG A 124 9.54 -6.49 10.45
CA ARG A 124 9.26 -5.11 10.05
C ARG A 124 8.24 -4.45 10.96
#